data_7DAL
#
_entry.id   7DAL
#
_cell.length_a   66.551
_cell.length_b   66.803
_cell.length_c   81.917
_cell.angle_alpha   90.000
_cell.angle_beta   90.000
_cell.angle_gamma   90.000
#
_symmetry.space_group_name_H-M   'P 21 21 21'
#
loop_
_entity.id
_entity.type
_entity.pdbx_description
1 polymer 'Serotonin N-acetyltransferase 1, chloroplastic'
2 non-polymer 'ACETYL COENZYME *A'
3 non-polymer SEROTONIN
4 water water
#
_entity_poly.entity_id   1
_entity_poly.type   'polypeptide(L)'
_entity_poly.pdbx_seq_one_letter_code
;GPPLPEELVLLERTLADGSTEQIIFSSAGDVNVYDLQALCDKVGWPRRPLTKIAASLRNSYLVATLHSVTMPSKAEGEER
KQLIGMARATSDHAFNATIWDVLVDPSYQGQGLGKALMEKVIRTLLQRDISNITLFADNKVVDFYKNLGFEADPQGIKGM
FWYPRF
;
_entity_poly.pdbx_strand_id   A,B
#
loop_
_chem_comp.id
_chem_comp.type
_chem_comp.name
_chem_comp.formula
ACO non-polymer 'ACETYL COENZYME *A' 'C23 H38 N7 O17 P3 S'
SRO non-polymer SEROTONIN 'C10 H12 N2 O'
#
# COMPACT_ATOMS: atom_id res chain seq x y z
N GLU A 6 -8.86 15.33 17.23
CA GLU A 6 -8.30 14.08 16.72
C GLU A 6 -7.23 13.59 17.64
N GLU A 7 -7.37 13.94 18.89
CA GLU A 7 -6.44 13.52 19.88
C GLU A 7 -7.30 13.02 21.01
N LEU A 8 -6.81 12.02 21.72
CA LEU A 8 -7.60 11.41 22.72
C LEU A 8 -6.81 10.99 23.85
N VAL A 9 -7.48 10.88 24.99
CA VAL A 9 -6.86 10.31 26.17
C VAL A 9 -7.48 8.93 26.41
N LEU A 10 -6.66 7.89 26.40
CA LEU A 10 -7.17 6.53 26.45
C LEU A 10 -7.42 6.08 27.88
N LEU A 11 -6.36 5.99 28.68
CA LEU A 11 -6.51 5.64 30.08
C LEU A 11 -5.56 6.47 30.94
N GLU A 12 -5.84 6.45 32.25
CA GLU A 12 -5.05 7.12 33.27
C GLU A 12 -4.76 6.14 34.39
N ARG A 13 -3.48 6.04 34.77
CA ARG A 13 -3.00 5.19 35.86
C ARG A 13 -2.16 6.03 36.83
N THR A 14 -1.87 5.51 38.03
CA THR A 14 -1.21 6.27 39.08
C THR A 14 -0.13 5.47 39.82
N LEU A 15 0.85 6.21 40.35
CA LEU A 15 1.98 5.82 41.24
C LEU A 15 2.86 7.02 41.56
N GLU A 21 0.60 9.17 34.94
CA GLU A 21 0.68 8.98 33.49
C GLU A 21 -0.67 8.69 32.81
N GLN A 22 -0.74 9.01 31.52
CA GLN A 22 -1.87 8.73 30.64
C GLN A 22 -1.34 8.12 29.35
N ILE A 23 -2.26 7.77 28.45
CA ILE A 23 -1.96 7.29 27.10
C ILE A 23 -2.81 8.12 26.15
N ILE A 24 -2.17 8.72 25.13
CA ILE A 24 -2.82 9.68 24.23
C ILE A 24 -2.67 9.20 22.82
N PHE A 25 -3.78 8.91 22.20
CA PHE A 25 -3.79 8.55 20.81
C PHE A 25 -3.90 9.81 19.99
N SER A 26 -3.18 9.84 18.87
CA SER A 26 -3.24 10.97 17.95
C SER A 26 -3.16 10.48 16.52
N SER A 27 -3.79 11.21 15.65
CA SER A 27 -3.67 10.94 14.26
C SER A 27 -3.18 12.20 13.62
N ALA A 28 -2.32 12.92 14.32
CA ALA A 28 -1.77 14.16 13.80
C ALA A 28 -0.56 13.87 13.02
N GLY A 29 0.45 13.37 13.69
CA GLY A 29 1.64 13.02 12.97
C GLY A 29 2.91 13.56 13.55
N ASP A 30 2.82 14.26 14.63
CA ASP A 30 4.04 14.77 15.19
C ASP A 30 4.80 13.63 15.80
N VAL A 31 5.56 12.93 14.98
CA VAL A 31 6.39 11.84 15.45
C VAL A 31 7.81 12.23 15.08
N ASN A 32 8.63 12.47 16.10
CA ASN A 32 10.03 12.83 15.94
C ASN A 32 10.81 11.59 15.56
N VAL A 33 11.45 11.62 14.39
CA VAL A 33 12.19 10.46 13.89
C VAL A 33 13.24 9.94 14.89
N TYR A 34 13.69 10.77 15.84
CA TYR A 34 14.60 10.26 16.85
C TYR A 34 13.84 9.47 17.91
N ASP A 35 12.69 9.97 18.35
CA ASP A 35 11.81 9.20 19.21
C ASP A 35 11.43 7.87 18.57
N LEU A 36 11.06 7.90 17.30
CA LEU A 36 10.65 6.67 16.64
C LEU A 36 11.78 5.68 16.56
N GLN A 37 12.96 6.17 16.29
CA GLN A 37 14.14 5.36 16.20
C GLN A 37 14.36 4.66 17.49
N ALA A 38 14.31 5.42 18.55
CA ALA A 38 14.43 4.89 19.91
C ALA A 38 13.51 3.70 20.12
N LEU A 39 12.24 3.85 19.71
CA LEU A 39 11.25 2.79 19.85
C LEU A 39 11.64 1.57 19.03
N CYS A 40 12.01 1.77 17.76
CA CYS A 40 12.34 0.65 16.89
C CYS A 40 13.52 -0.15 17.43
N ASP A 41 14.36 0.51 18.18
CA ASP A 41 15.50 -0.12 18.77
C ASP A 41 15.00 -1.06 19.83
N LYS A 42 14.23 -0.54 20.79
CA LYS A 42 13.63 -1.37 21.84
C LYS A 42 13.03 -2.63 21.26
N VAL A 43 12.54 -2.53 20.06
CA VAL A 43 11.96 -3.68 19.45
C VAL A 43 12.97 -4.42 18.62
N GLY A 44 14.20 -3.97 18.62
CA GLY A 44 15.22 -4.68 17.88
C GLY A 44 15.26 -4.51 16.38
N TRP A 45 14.63 -3.50 15.86
CA TRP A 45 14.67 -3.32 14.43
C TRP A 45 15.97 -2.65 14.10
N PRO A 46 16.44 -2.85 12.90
CA PRO A 46 17.68 -2.25 12.52
C PRO A 46 17.52 -0.84 12.06
N ARG A 47 18.38 0.05 12.50
CA ARG A 47 18.33 1.44 12.14
C ARG A 47 18.27 1.72 10.65
N ARG A 48 17.50 2.71 10.26
CA ARG A 48 17.39 3.10 8.87
C ARG A 48 17.65 4.59 8.75
N PRO A 49 18.18 5.07 7.57
CA PRO A 49 18.55 6.49 7.44
C PRO A 49 17.40 7.39 7.87
N LEU A 50 17.67 8.26 8.85
CA LEU A 50 16.60 9.04 9.45
C LEU A 50 15.92 9.92 8.42
N THR A 51 16.68 10.42 7.44
CA THR A 51 16.08 11.13 6.32
C THR A 51 15.10 10.22 5.59
N LYS A 52 15.46 8.95 5.40
CA LYS A 52 14.53 8.08 4.72
C LYS A 52 13.33 7.74 5.62
N ILE A 53 13.55 7.59 6.94
CA ILE A 53 12.40 7.45 7.84
C ILE A 53 11.52 8.69 7.77
N ALA A 54 12.14 9.89 7.76
CA ALA A 54 11.34 11.11 7.71
C ALA A 54 10.56 11.21 6.40
N ALA A 55 11.15 10.72 5.31
CA ALA A 55 10.42 10.69 4.04
C ALA A 55 9.23 9.72 4.08
N SER A 56 9.34 8.60 4.82
CA SER A 56 8.24 7.64 4.87
C SER A 56 7.09 8.17 5.72
N LEU A 57 7.40 8.84 6.83
CA LEU A 57 6.34 9.46 7.62
C LEU A 57 5.69 10.61 6.87
N ARG A 58 6.41 11.28 6.02
CA ARG A 58 5.81 12.37 5.35
C ARG A 58 4.92 11.91 4.24
N ASN A 59 5.25 10.79 3.62
CA ASN A 59 4.49 10.27 2.50
C ASN A 59 3.52 9.17 2.93
N SER A 60 3.20 9.12 4.23
CA SER A 60 2.21 8.19 4.80
C SER A 60 0.91 8.92 5.04
N TYR A 61 -0.14 8.48 4.34
CA TYR A 61 -1.48 9.06 4.48
C TYR A 61 -1.96 9.17 5.92
N LEU A 62 -1.50 8.28 6.79
CA LEU A 62 -1.99 8.29 8.16
C LEU A 62 -0.87 7.83 9.06
N VAL A 63 -0.54 8.61 10.09
CA VAL A 63 0.42 8.18 11.09
C VAL A 63 -0.24 8.40 12.44
N ALA A 64 -0.34 7.33 13.21
CA ALA A 64 -1.09 7.34 14.45
C ALA A 64 -0.14 7.02 15.58
N THR A 65 -0.40 7.59 16.75
CA THR A 65 0.57 7.61 17.83
C THR A 65 -0.09 7.34 19.17
N LEU A 66 0.63 6.62 20.03
CA LEU A 66 0.36 6.62 21.47
C LEU A 66 1.54 7.21 22.22
N HIS A 67 1.26 8.18 23.08
CA HIS A 67 2.26 8.86 23.88
C HIS A 67 1.94 8.66 25.35
N SER A 68 2.98 8.51 26.17
CA SER A 68 2.79 8.26 27.59
C SER A 68 3.28 9.48 28.37
N VAL A 69 2.35 10.43 28.66
CA VAL A 69 2.69 11.65 29.40
C VAL A 69 2.76 11.38 30.89
N THR A 70 3.43 12.27 31.62
CA THR A 70 3.41 12.23 33.09
C THR A 70 3.09 13.61 33.67
N LYS A 81 5.55 13.89 27.41
CA LYS A 81 5.24 13.03 26.27
C LYS A 81 6.30 11.94 26.12
N GLN A 82 5.91 10.81 25.54
CA GLN A 82 6.80 9.68 25.33
C GLN A 82 6.25 8.66 24.35
N LEU A 83 6.87 8.53 23.20
CA LEU A 83 6.46 7.59 22.18
C LEU A 83 6.43 6.17 22.72
N ILE A 84 5.26 5.53 22.68
CA ILE A 84 5.18 4.17 23.18
C ILE A 84 4.50 3.28 22.16
N GLY A 85 3.95 3.88 21.10
CA GLY A 85 3.30 3.09 20.07
C GLY A 85 3.06 3.89 18.82
N MET A 86 3.17 3.21 17.69
CA MET A 86 2.93 3.86 16.43
C MET A 86 2.33 2.87 15.46
N ALA A 87 1.54 3.40 14.55
CA ALA A 87 1.15 2.70 13.34
C ALA A 87 1.06 3.75 12.26
N ARG A 88 1.23 3.32 11.01
CA ARG A 88 1.06 4.25 9.91
C ARG A 88 0.50 3.50 8.72
N ALA A 89 -0.16 4.22 7.82
CA ALA A 89 -0.69 3.64 6.61
C ALA A 89 -0.31 4.47 5.39
N THR A 90 -0.11 3.79 4.27
CA THR A 90 -0.19 4.47 2.99
C THR A 90 -1.60 4.33 2.43
N SER A 91 -1.92 5.15 1.44
CA SER A 91 -3.24 5.09 0.87
C SER A 91 -3.26 5.92 -0.39
N ASP A 92 -4.24 5.64 -1.23
CA ASP A 92 -4.40 6.45 -2.43
C ASP A 92 -5.44 7.52 -2.19
N HIS A 93 -5.76 7.77 -0.93
CA HIS A 93 -6.67 8.81 -0.47
C HIS A 93 -8.09 8.51 -0.89
N ALA A 94 -8.31 7.42 -1.61
CA ALA A 94 -9.61 7.18 -2.24
C ALA A 94 -10.19 5.80 -1.88
N PHE A 95 -9.52 4.72 -2.29
CA PHE A 95 -10.08 3.37 -2.22
C PHE A 95 -9.30 2.43 -1.32
N ASN A 96 -7.98 2.41 -1.42
CA ASN A 96 -7.18 1.45 -0.70
C ASN A 96 -6.31 2.13 0.36
N ALA A 97 -5.94 1.35 1.35
CA ALA A 97 -4.90 1.71 2.31
C ALA A 97 -4.17 0.44 2.65
N THR A 98 -2.94 0.57 3.14
CA THR A 98 -2.12 -0.54 3.55
C THR A 98 -1.45 -0.11 4.83
N ILE A 99 -1.42 -0.99 5.84
CA ILE A 99 -0.93 -0.64 7.17
C ILE A 99 0.45 -1.21 7.33
N TRP A 100 1.40 -0.37 7.73
CA TRP A 100 2.77 -0.80 7.92
C TRP A 100 3.26 -0.44 9.32
N ASP A 101 4.30 -1.09 9.72
CA ASP A 101 4.99 -0.80 10.94
C ASP A 101 4.22 -0.48 12.19
N VAL A 102 3.21 -1.26 12.54
CA VAL A 102 2.49 -0.99 13.78
C VAL A 102 3.32 -1.60 14.90
N LEU A 103 3.84 -0.78 15.80
CA LEU A 103 4.67 -1.32 16.82
C LEU A 103 4.40 -0.68 18.12
N VAL A 104 4.60 -1.43 19.18
CA VAL A 104 4.27 -1.00 20.53
C VAL A 104 5.44 -1.34 21.45
N ASP A 105 5.79 -0.40 22.33
CA ASP A 105 6.95 -0.51 23.19
C ASP A 105 6.86 -1.75 24.07
N PRO A 106 7.89 -2.60 24.09
CA PRO A 106 7.89 -3.79 24.95
C PRO A 106 7.25 -3.62 26.32
N SER A 107 7.64 -2.59 27.07
CA SER A 107 7.09 -2.41 28.42
C SER A 107 5.70 -1.76 28.38
N TYR A 108 4.91 -2.09 27.36
CA TYR A 108 3.53 -1.62 27.25
C TYR A 108 2.70 -2.64 26.50
N GLN A 109 3.34 -3.71 26.12
CA GLN A 109 2.64 -4.74 25.45
C GLN A 109 1.85 -5.53 26.47
N GLY A 110 0.85 -6.21 26.01
CA GLY A 110 0.01 -6.90 26.97
C GLY A 110 -0.87 -6.00 27.82
N GLN A 111 -1.25 -4.85 27.31
CA GLN A 111 -2.11 -4.00 28.08
C GLN A 111 -3.32 -3.55 27.32
N GLY A 112 -3.45 -3.98 26.09
CA GLY A 112 -4.55 -3.52 25.27
C GLY A 112 -4.22 -2.37 24.34
N LEU A 113 -2.98 -1.86 24.37
CA LEU A 113 -2.68 -0.65 23.62
C LEU A 113 -2.57 -0.92 22.12
N GLY A 114 -1.95 -2.04 21.74
CA GLY A 114 -1.97 -2.46 20.34
C GLY A 114 -3.38 -2.58 19.78
N LYS A 115 -4.30 -3.15 20.56
CA LYS A 115 -5.69 -3.25 20.13
C LYS A 115 -6.31 -1.86 19.94
N ALA A 116 -6.20 -1.01 20.96
CA ALA A 116 -6.79 0.32 20.87
C ALA A 116 -6.20 1.12 19.71
N LEU A 117 -4.87 1.12 19.56
CA LEU A 117 -4.26 1.80 18.42
C LEU A 117 -4.89 1.32 17.12
N MET A 118 -4.99 0.00 16.92
CA MET A 118 -5.51 -0.53 15.67
C MET A 118 -6.96 -0.12 15.46
N GLU A 119 -7.77 -0.26 16.50
CA GLU A 119 -9.19 0.06 16.42
C GLU A 119 -9.38 1.47 15.88
N LYS A 120 -8.68 2.42 16.46
CA LYS A 120 -8.79 3.79 16.06
C LYS A 120 -8.19 4.02 14.70
N VAL A 121 -7.13 3.32 14.36
CA VAL A 121 -6.61 3.42 13.01
C VAL A 121 -7.71 3.07 12.02
N ILE A 122 -8.24 1.85 12.12
CA ILE A 122 -9.31 1.42 11.22
C ILE A 122 -10.42 2.45 11.15
N ARG A 123 -10.90 2.87 12.32
CA ARG A 123 -11.96 3.86 12.40
C ARG A 123 -11.60 5.15 11.68
N THR A 124 -10.36 5.63 11.82
CA THR A 124 -9.94 6.86 11.12
C THR A 124 -10.06 6.70 9.61
N LEU A 125 -9.66 5.53 9.10
CA LEU A 125 -9.69 5.30 7.66
C LEU A 125 -11.11 5.11 7.16
N LEU A 126 -11.94 4.39 7.91
CA LEU A 126 -13.35 4.33 7.54
C LEU A 126 -13.95 5.74 7.46
N GLN A 127 -13.63 6.59 8.44
CA GLN A 127 -14.20 7.93 8.45
C GLN A 127 -13.74 8.79 7.28
N ARG A 128 -12.55 8.51 6.73
CA ARG A 128 -12.05 9.14 5.51
C ARG A 128 -12.45 8.37 4.25
N ASP A 129 -13.33 7.37 4.39
CA ASP A 129 -13.97 6.67 3.28
C ASP A 129 -13.02 5.74 2.53
N ILE A 130 -11.99 5.23 3.19
CA ILE A 130 -11.19 4.16 2.61
C ILE A 130 -11.94 2.85 2.83
N SER A 131 -12.30 2.17 1.75
CA SER A 131 -13.10 0.95 1.84
C SER A 131 -12.25 -0.30 1.94
N ASN A 132 -11.04 -0.32 1.37
CA ASN A 132 -10.16 -1.49 1.37
C ASN A 132 -8.98 -1.23 2.29
N ILE A 133 -9.05 -1.76 3.50
CA ILE A 133 -8.02 -1.62 4.53
C ILE A 133 -7.23 -2.91 4.58
N THR A 134 -5.98 -2.90 4.15
CA THR A 134 -5.17 -4.10 4.08
C THR A 134 -3.89 -3.95 4.88
N LEU A 135 -3.20 -5.08 5.09
CA LEU A 135 -1.87 -5.08 5.70
C LEU A 135 -1.19 -6.42 5.43
N PHE A 136 0.12 -6.47 5.73
CA PHE A 136 0.93 -7.68 5.60
C PHE A 136 1.42 -8.07 6.99
N ALA A 137 1.11 -9.31 7.40
CA ALA A 137 1.38 -9.72 8.76
C ALA A 137 2.35 -10.88 8.83
N ASP A 138 3.38 -10.72 9.67
CA ASP A 138 4.21 -11.82 10.10
C ASP A 138 3.34 -12.97 10.60
N ASN A 139 3.88 -14.16 10.53
CA ASN A 139 3.17 -15.31 10.95
C ASN A 139 2.82 -15.31 12.41
N LYS A 140 3.61 -14.63 13.18
CA LYS A 140 3.46 -14.67 14.64
C LYS A 140 2.41 -13.71 15.16
N VAL A 141 1.91 -12.78 14.34
CA VAL A 141 0.93 -11.80 14.77
C VAL A 141 -0.32 -11.82 13.87
N VAL A 142 -0.39 -12.79 12.93
CA VAL A 142 -1.59 -12.92 12.10
C VAL A 142 -2.82 -13.08 12.97
N ASP A 143 -2.69 -13.78 14.11
CA ASP A 143 -3.84 -14.02 14.96
C ASP A 143 -4.31 -12.74 15.62
N PHE A 144 -3.36 -11.90 16.03
CA PHE A 144 -3.67 -10.59 16.59
C PHE A 144 -4.52 -9.75 15.64
N TYR A 145 -4.36 -9.94 14.33
CA TYR A 145 -5.13 -9.12 13.40
C TYR A 145 -6.42 -9.79 12.99
N LYS A 146 -6.46 -11.13 12.93
CA LYS A 146 -7.73 -11.79 12.68
C LYS A 146 -8.73 -11.44 13.77
N ASN A 147 -8.27 -11.40 15.03
CA ASN A 147 -9.17 -10.96 16.09
C ASN A 147 -9.70 -9.56 15.83
N LEU A 148 -8.88 -8.68 15.25
CA LEU A 148 -9.34 -7.32 15.00
C LEU A 148 -10.28 -7.24 13.82
N GLY A 149 -10.47 -8.33 13.08
CA GLY A 149 -11.39 -8.32 11.97
C GLY A 149 -10.72 -8.57 10.63
N PHE A 150 -9.41 -8.73 10.61
CA PHE A 150 -8.74 -8.88 9.33
C PHE A 150 -8.87 -10.31 8.87
N GLU A 151 -8.94 -10.49 7.57
CA GLU A 151 -9.24 -11.79 7.00
C GLU A 151 -8.16 -12.10 5.97
N ALA A 152 -7.43 -13.19 6.18
CA ALA A 152 -6.32 -13.55 5.32
C ALA A 152 -6.82 -14.25 4.06
N ASP A 153 -6.05 -14.10 2.98
CA ASP A 153 -6.36 -14.62 1.65
C ASP A 153 -7.85 -14.77 1.36
N PRO A 154 -8.65 -13.70 1.47
CA PRO A 154 -10.08 -13.82 1.15
C PRO A 154 -10.28 -14.16 -0.31
N GLN A 155 -11.06 -15.22 -0.55
CA GLN A 155 -11.38 -15.66 -1.90
C GLN A 155 -10.12 -15.98 -2.71
N GLY A 156 -9.13 -16.57 -2.05
CA GLY A 156 -7.89 -16.91 -2.73
C GLY A 156 -7.07 -15.73 -3.23
N ILE A 157 -7.22 -14.56 -2.63
CA ILE A 157 -6.33 -13.45 -2.97
C ILE A 157 -5.04 -13.61 -2.20
N LYS A 158 -3.91 -13.44 -2.90
CA LYS A 158 -2.60 -13.67 -2.30
C LYS A 158 -1.81 -12.37 -2.23
N GLY A 159 -1.03 -12.24 -1.16
CA GLY A 159 -0.19 -11.08 -0.96
C GLY A 159 1.24 -11.43 -1.27
N MET A 160 1.82 -10.73 -2.24
CA MET A 160 3.04 -11.18 -2.90
C MET A 160 4.14 -10.12 -2.81
N PHE A 161 5.39 -10.57 -2.72
CA PHE A 161 6.55 -9.70 -2.65
C PHE A 161 7.51 -9.99 -3.80
N TRP A 162 8.08 -8.94 -4.38
CA TRP A 162 9.03 -9.15 -5.47
C TRP A 162 10.38 -9.52 -4.87
N TYR A 163 10.77 -10.78 -5.06
CA TYR A 163 12.08 -11.25 -4.59
C TYR A 163 12.35 -10.78 -3.17
N PRO A 164 11.58 -11.26 -2.21
CA PRO A 164 11.84 -10.90 -0.81
C PRO A 164 13.06 -11.62 -0.31
N ARG A 165 13.75 -10.96 0.62
CA ARG A 165 14.92 -11.54 1.28
C ARG A 165 14.69 -11.35 2.77
N PHE A 166 13.96 -12.29 3.37
CA PHE A 166 13.72 -12.22 4.80
C PHE A 166 14.47 -13.35 5.50
N GLU B 6 11.74 7.74 -19.95
CA GLU B 6 10.51 7.82 -19.17
C GLU B 6 9.25 7.62 -20.04
N GLU B 7 9.35 8.06 -21.29
CA GLU B 7 8.40 7.70 -22.34
C GLU B 7 9.15 6.86 -23.36
N LEU B 8 8.57 5.72 -23.70
CA LEU B 8 9.24 4.72 -24.51
C LEU B 8 8.27 4.17 -25.54
N VAL B 9 8.80 3.78 -26.70
CA VAL B 9 8.04 3.13 -27.76
C VAL B 9 8.40 1.65 -27.73
N LEU B 10 7.40 0.80 -27.50
CA LEU B 10 7.65 -0.60 -27.20
C LEU B 10 7.70 -1.45 -28.47
N LEU B 11 6.70 -1.32 -29.32
CA LEU B 11 6.71 -2.06 -30.57
C LEU B 11 6.01 -1.24 -31.65
N GLU B 12 6.14 -1.73 -32.88
CA GLU B 12 5.61 -1.05 -34.06
C GLU B 12 5.00 -2.10 -34.97
N ARG B 13 3.75 -1.89 -35.38
CA ARG B 13 2.99 -2.82 -36.21
C ARG B 13 2.26 -2.02 -37.29
N THR B 14 1.55 -2.73 -38.17
CA THR B 14 0.88 -2.09 -39.30
C THR B 14 -0.33 -2.92 -39.72
N LEU B 15 -1.09 -2.39 -40.69
CA LEU B 15 -2.14 -3.14 -41.38
C LEU B 15 -2.54 -2.42 -42.67
N GLU B 21 0.61 1.93 -36.12
CA GLU B 21 0.36 1.79 -34.68
C GLU B 21 1.63 1.48 -33.89
N GLN B 22 1.85 2.20 -32.79
CA GLN B 22 2.92 1.86 -31.87
C GLN B 22 2.43 1.99 -30.44
N ILE B 23 2.85 1.05 -29.61
CA ILE B 23 2.53 1.01 -28.19
C ILE B 23 3.51 1.94 -27.48
N ILE B 24 3.02 2.75 -26.54
CA ILE B 24 3.86 3.73 -25.86
C ILE B 24 3.72 3.55 -24.35
N PHE B 25 4.84 3.29 -23.68
CA PHE B 25 4.87 3.23 -22.23
C PHE B 25 5.22 4.59 -21.66
N SER B 26 4.44 5.04 -20.68
CA SER B 26 4.72 6.27 -19.97
C SER B 26 4.62 6.02 -18.48
N SER B 27 5.54 6.60 -17.72
CA SER B 27 5.38 6.76 -16.29
C SER B 27 5.06 8.19 -15.93
N ALA B 28 4.51 8.94 -16.88
CA ALA B 28 4.38 10.39 -16.70
C ALA B 28 3.25 10.72 -15.76
N GLY B 29 2.11 10.08 -15.94
CA GLY B 29 0.97 10.22 -15.06
C GLY B 29 -0.26 10.81 -15.70
N ASP B 30 -0.12 11.54 -16.79
CA ASP B 30 -1.26 12.22 -17.41
C ASP B 30 -2.12 11.14 -18.05
N VAL B 31 -3.02 10.58 -17.22
CA VAL B 31 -4.07 9.68 -17.67
C VAL B 31 -5.39 10.39 -17.46
N ASN B 32 -6.20 10.43 -18.53
CA ASN B 32 -7.53 11.05 -18.46
C ASN B 32 -8.46 10.08 -17.74
N VAL B 33 -9.11 10.56 -16.68
CA VAL B 33 -10.04 9.72 -15.93
C VAL B 33 -11.20 9.25 -16.80
N TYR B 34 -11.50 9.96 -17.90
CA TYR B 34 -12.53 9.46 -18.81
C TYR B 34 -12.00 8.29 -19.62
N ASP B 35 -10.79 8.43 -20.17
CA ASP B 35 -10.15 7.31 -20.85
C ASP B 35 -9.99 6.10 -19.93
N LEU B 36 -9.72 6.34 -18.64
CA LEU B 36 -9.48 5.23 -17.74
C LEU B 36 -10.78 4.48 -17.47
N GLN B 37 -11.82 5.21 -17.08
CA GLN B 37 -13.15 4.65 -16.91
C GLN B 37 -13.59 3.83 -18.12
N ALA B 38 -13.30 4.33 -19.33
CA ALA B 38 -13.60 3.57 -20.54
C ALA B 38 -12.95 2.21 -20.49
N LEU B 39 -11.68 2.18 -20.09
CA LEU B 39 -10.93 0.93 -20.05
C LEU B 39 -11.46 -0.01 -18.96
N CYS B 40 -11.90 0.54 -17.82
CA CYS B 40 -12.41 -0.30 -16.76
C CYS B 40 -13.75 -0.90 -17.12
N ASP B 41 -14.52 -0.23 -17.98
CA ASP B 41 -15.72 -0.87 -18.48
C ASP B 41 -15.38 -2.00 -19.43
N LYS B 42 -14.46 -1.74 -20.36
CA LYS B 42 -14.01 -2.77 -21.28
C LYS B 42 -13.57 -4.02 -20.56
N VAL B 43 -13.27 -3.89 -19.29
CA VAL B 43 -12.94 -5.07 -18.58
C VAL B 43 -14.04 -5.46 -17.62
N GLY B 44 -15.12 -4.70 -17.62
CA GLY B 44 -16.23 -5.03 -16.76
C GLY B 44 -16.17 -4.56 -15.34
N TRP B 45 -15.30 -3.60 -15.06
CA TRP B 45 -15.24 -3.09 -13.72
C TRP B 45 -16.36 -2.14 -13.49
N PRO B 46 -16.70 -1.93 -12.24
CA PRO B 46 -17.86 -1.05 -12.02
C PRO B 46 -17.47 0.42 -11.93
N ARG B 47 -18.39 1.27 -12.39
CA ARG B 47 -18.20 2.71 -12.35
C ARG B 47 -17.88 3.19 -10.94
N ARG B 48 -17.05 4.23 -10.85
CA ARG B 48 -16.66 4.81 -9.58
C ARG B 48 -16.54 6.31 -9.73
N PRO B 49 -16.81 7.08 -8.64
CA PRO B 49 -16.86 8.54 -8.75
C PRO B 49 -15.61 9.11 -9.37
N LEU B 50 -15.79 9.81 -10.49
CA LEU B 50 -14.64 10.28 -11.24
C LEU B 50 -13.77 11.16 -10.36
N THR B 51 -14.38 11.96 -9.49
CA THR B 51 -13.60 12.74 -8.54
C THR B 51 -12.72 11.85 -7.70
N LYS B 52 -13.24 10.68 -7.28
CA LYS B 52 -12.47 9.77 -6.44
C LYS B 52 -11.42 9.01 -7.25
N ILE B 53 -11.80 8.50 -8.43
CA ILE B 53 -10.80 7.96 -9.33
C ILE B 53 -9.66 8.96 -9.52
N ALA B 54 -10.02 10.23 -9.79
CA ALA B 54 -9.03 11.28 -10.00
C ALA B 54 -8.20 11.53 -8.75
N ALA B 55 -8.80 11.39 -7.56
CA ALA B 55 -8.01 11.57 -6.34
C ALA B 55 -7.04 10.41 -6.12
N SER B 56 -7.40 9.20 -6.58
CA SER B 56 -6.53 8.04 -6.39
C SER B 56 -5.37 8.04 -7.36
N LEU B 57 -5.52 8.68 -8.52
CA LEU B 57 -4.38 8.84 -9.42
C LEU B 57 -3.42 9.92 -8.93
N ARG B 58 -3.91 11.03 -8.43
CA ARG B 58 -3.00 12.04 -7.98
C ARG B 58 -2.29 11.62 -6.73
N ASN B 59 -2.83 10.68 -6.00
CA ASN B 59 -2.15 10.23 -4.78
C ASN B 59 -1.47 8.89 -4.95
N SER B 60 -1.10 8.56 -6.18
CA SER B 60 -0.40 7.32 -6.51
C SER B 60 1.03 7.69 -6.87
N TYR B 61 1.96 7.20 -6.07
CA TYR B 61 3.37 7.46 -6.29
C TYR B 61 3.81 7.19 -7.72
N LEU B 62 3.28 6.14 -8.34
CA LEU B 62 3.66 5.85 -9.72
C LEU B 62 2.42 5.43 -10.49
N VAL B 63 2.17 6.05 -11.63
CA VAL B 63 1.18 5.55 -12.56
C VAL B 63 1.84 5.38 -13.92
N ALA B 64 1.59 4.23 -14.55
CA ALA B 64 2.28 3.84 -15.77
C ALA B 64 1.23 3.45 -16.80
N THR B 65 1.37 3.97 -18.03
CA THR B 65 0.32 3.82 -19.03
C THR B 65 0.81 3.19 -20.31
N LEU B 66 -0.12 2.51 -20.98
CA LEU B 66 0.08 1.94 -22.31
C LEU B 66 -0.89 2.62 -23.26
N HIS B 67 -0.34 3.29 -24.27
CA HIS B 67 -1.11 4.02 -25.27
C HIS B 67 -0.87 3.43 -26.64
N SER B 68 -1.91 3.47 -27.47
CA SER B 68 -1.87 2.93 -28.82
C SER B 68 -2.07 4.09 -29.79
N VAL B 69 -1.02 4.63 -30.32
CA VAL B 69 -1.14 5.81 -31.18
C VAL B 69 -1.23 5.35 -32.63
N THR B 70 -1.75 6.22 -33.49
CA THR B 70 -1.99 5.90 -34.91
C THR B 70 -1.77 7.12 -35.80
N LYS B 81 -3.74 8.80 -29.76
CA LYS B 81 -3.56 8.17 -28.46
C LYS B 81 -4.82 7.40 -28.04
N GLN B 82 -4.62 6.23 -27.44
CA GLN B 82 -5.72 5.46 -26.88
C GLN B 82 -5.19 4.68 -25.68
N LEU B 83 -5.79 4.91 -24.52
CA LEU B 83 -5.35 4.21 -23.32
C LEU B 83 -5.67 2.73 -23.48
N ILE B 84 -4.65 1.89 -23.41
CA ILE B 84 -4.88 0.46 -23.60
C ILE B 84 -4.38 -0.34 -22.40
N GLY B 85 -3.66 0.31 -21.50
CA GLY B 85 -3.15 -0.38 -20.34
C GLY B 85 -2.82 0.59 -19.25
N MET B 86 -2.87 0.11 -18.02
CA MET B 86 -2.53 0.93 -16.90
C MET B 86 -2.15 0.06 -15.72
N ALA B 87 -1.31 0.61 -14.86
CA ALA B 87 -0.98 0.09 -13.56
C ALA B 87 -0.57 1.28 -12.73
N ARG B 88 -0.85 1.25 -11.45
CA ARG B 88 -0.41 2.32 -10.58
C ARG B 88 0.20 1.71 -9.35
N ALA B 89 0.73 2.56 -8.47
CA ALA B 89 1.32 2.05 -7.25
C ALA B 89 1.31 3.14 -6.20
N THR B 90 0.94 2.79 -4.97
CA THR B 90 1.22 3.72 -3.89
C THR B 90 2.57 3.39 -3.28
N SER B 91 3.07 4.29 -2.43
CA SER B 91 4.40 4.11 -1.87
C SER B 91 4.59 5.12 -0.76
N ASP B 92 5.51 4.82 0.15
CA ASP B 92 5.91 5.82 1.13
C ASP B 92 7.17 6.57 0.69
N HIS B 93 7.49 6.52 -0.60
CA HIS B 93 8.62 7.20 -1.22
C HIS B 93 9.95 6.76 -0.64
N ALA B 94 9.99 5.68 0.12
CA ALA B 94 11.22 5.32 0.82
C ALA B 94 11.44 3.81 0.88
N PHE B 95 10.45 3.06 1.34
CA PHE B 95 10.65 1.65 1.68
C PHE B 95 9.71 0.69 0.97
N ASN B 96 8.42 1.01 0.90
CA ASN B 96 7.46 0.06 0.36
C ASN B 96 6.65 0.71 -0.76
N ALA B 97 6.36 -0.09 -1.78
CA ALA B 97 5.31 0.23 -2.73
C ALA B 97 4.29 -0.91 -2.76
N THR B 98 3.08 -0.62 -3.22
CA THR B 98 2.02 -1.59 -3.40
C THR B 98 1.41 -1.30 -4.76
N ILE B 99 1.28 -2.33 -5.59
CA ILE B 99 0.83 -2.15 -6.97
C ILE B 99 -0.64 -2.53 -7.05
N TRP B 100 -1.49 -1.58 -7.44
CA TRP B 100 -2.93 -1.81 -7.58
C TRP B 100 -3.37 -1.66 -9.04
N ASP B 101 -4.56 -2.17 -9.31
CA ASP B 101 -5.34 -1.87 -10.52
C ASP B 101 -4.50 -1.90 -11.79
N VAL B 102 -3.72 -2.96 -11.97
CA VAL B 102 -3.04 -3.16 -13.23
C VAL B 102 -4.00 -3.85 -14.19
N LEU B 103 -4.24 -3.22 -15.34
CA LEU B 103 -5.20 -3.78 -16.28
C LEU B 103 -4.87 -3.36 -17.71
N VAL B 104 -5.09 -4.29 -18.64
CA VAL B 104 -4.88 -4.01 -20.06
C VAL B 104 -6.13 -4.38 -20.84
N ASP B 105 -6.36 -3.63 -21.91
CA ASP B 105 -7.54 -3.78 -22.75
C ASP B 105 -7.64 -5.20 -23.29
N PRO B 106 -8.80 -5.84 -23.18
CA PRO B 106 -8.95 -7.19 -23.75
C PRO B 106 -8.54 -7.31 -25.21
N SER B 107 -8.73 -6.25 -26.00
CA SER B 107 -8.33 -6.26 -27.40
C SER B 107 -6.83 -6.42 -27.57
N TYR B 108 -6.05 -6.21 -26.51
CA TYR B 108 -4.59 -6.21 -26.61
C TYR B 108 -3.94 -7.19 -25.64
N GLN B 109 -4.72 -8.01 -24.94
CA GLN B 109 -4.16 -9.04 -24.07
C GLN B 109 -3.61 -10.20 -24.91
N GLY B 110 -2.83 -11.06 -24.25
CA GLY B 110 -2.14 -12.10 -24.96
C GLY B 110 -0.98 -11.65 -25.85
N GLN B 111 -0.51 -10.40 -25.72
CA GLN B 111 0.53 -9.91 -26.62
C GLN B 111 1.85 -9.59 -25.93
N GLY B 112 1.97 -9.79 -24.63
CA GLY B 112 3.16 -9.43 -23.89
C GLY B 112 3.05 -8.10 -23.20
N LEU B 113 1.95 -7.37 -23.40
CA LEU B 113 1.89 -5.98 -22.97
C LEU B 113 1.71 -5.88 -21.46
N GLY B 114 0.88 -6.74 -20.87
CA GLY B 114 0.87 -6.87 -19.42
C GLY B 114 2.26 -7.10 -18.86
N LYS B 115 3.04 -7.99 -19.49
CA LYS B 115 4.38 -8.31 -19.00
C LYS B 115 5.31 -7.10 -19.12
N ALA B 116 5.39 -6.50 -20.31
CA ALA B 116 6.22 -5.33 -20.52
C ALA B 116 5.92 -4.24 -19.51
N LEU B 117 4.62 -3.93 -19.35
CA LEU B 117 4.21 -2.87 -18.44
C LEU B 117 4.67 -3.16 -17.02
N MET B 118 4.55 -4.41 -16.59
CA MET B 118 4.97 -4.76 -15.24
C MET B 118 6.47 -4.64 -15.06
N GLU B 119 7.25 -5.12 -16.03
CA GLU B 119 8.71 -5.10 -15.90
C GLU B 119 9.22 -3.68 -15.65
N LYS B 120 8.75 -2.73 -16.47
CA LYS B 120 9.15 -1.34 -16.35
C LYS B 120 8.65 -0.72 -15.05
N VAL B 121 7.45 -1.12 -14.61
CA VAL B 121 6.97 -0.67 -13.31
C VAL B 121 7.98 -1.04 -12.24
N ILE B 122 8.36 -2.31 -12.20
CA ILE B 122 9.29 -2.78 -11.20
C ILE B 122 10.63 -2.07 -11.35
N ARG B 123 11.11 -1.93 -12.58
CA ARG B 123 12.38 -1.24 -12.79
C ARG B 123 12.28 0.22 -12.36
N THR B 124 11.19 0.91 -12.69
CA THR B 124 11.01 2.29 -12.25
C THR B 124 11.09 2.40 -10.74
N LEU B 125 10.53 1.42 -10.03
CA LEU B 125 10.47 1.48 -8.57
C LEU B 125 11.81 1.15 -7.95
N LEU B 126 12.51 0.16 -8.51
CA LEU B 126 13.86 -0.10 -8.06
C LEU B 126 14.74 1.13 -8.31
N GLN B 127 14.53 1.78 -9.43
CA GLN B 127 15.22 2.98 -9.76
C GLN B 127 14.98 4.00 -8.70
N ARG B 128 13.74 4.17 -8.32
CA ARG B 128 13.40 5.15 -7.30
C ARG B 128 13.89 4.72 -5.92
N ASP B 129 14.45 3.51 -5.79
CA ASP B 129 15.02 2.97 -4.57
C ASP B 129 13.96 2.45 -3.60
N ILE B 130 12.81 2.04 -4.13
CA ILE B 130 11.86 1.28 -3.32
C ILE B 130 12.32 -0.16 -3.29
N SER B 131 12.56 -0.69 -2.09
CA SER B 131 13.10 -2.04 -1.92
C SER B 131 12.03 -3.11 -1.74
N ASN B 132 10.91 -2.74 -1.16
CA ASN B 132 9.84 -3.66 -0.92
C ASN B 132 8.66 -3.44 -1.83
N ILE B 133 8.59 -4.20 -2.92
CA ILE B 133 7.53 -4.09 -3.92
C ILE B 133 6.53 -5.20 -3.64
N THR B 134 5.26 -4.83 -3.46
CA THR B 134 4.22 -5.77 -3.04
C THR B 134 2.96 -5.53 -3.86
N LEU B 135 2.07 -6.55 -3.85
CA LEU B 135 0.77 -6.46 -4.48
C LEU B 135 -0.16 -7.52 -3.90
N PHE B 136 -1.44 -7.43 -4.26
CA PHE B 136 -2.46 -8.38 -3.86
C PHE B 136 -3.02 -9.03 -5.12
N ALA B 137 -2.84 -10.35 -5.24
CA ALA B 137 -3.15 -11.07 -6.47
C ALA B 137 -4.45 -11.86 -6.32
N ASP B 138 -5.41 -11.54 -7.18
CA ASP B 138 -6.51 -12.43 -7.43
C ASP B 138 -6.00 -13.81 -7.84
N ASN B 139 -6.84 -14.79 -7.57
CA ASN B 139 -6.45 -16.19 -7.72
C ASN B 139 -6.04 -16.51 -9.16
N LYS B 140 -6.81 -16.03 -10.12
CA LYS B 140 -6.59 -16.36 -11.52
C LYS B 140 -5.33 -15.74 -12.12
N VAL B 141 -4.70 -14.75 -11.45
CA VAL B 141 -3.51 -14.13 -12.02
C VAL B 141 -2.32 -14.20 -11.06
N VAL B 142 -2.45 -14.93 -9.95
CA VAL B 142 -1.30 -15.19 -9.10
C VAL B 142 -0.15 -15.79 -9.91
N ASP B 143 -0.46 -16.74 -10.79
CA ASP B 143 0.58 -17.33 -11.64
C ASP B 143 1.27 -16.26 -12.48
N PHE B 144 0.49 -15.30 -13.00
CA PHE B 144 1.07 -14.25 -13.85
C PHE B 144 2.15 -13.45 -13.13
N TYR B 145 2.03 -13.26 -11.82
CA TYR B 145 3.01 -12.49 -11.07
C TYR B 145 4.15 -13.33 -10.55
N LYS B 146 3.99 -14.62 -10.49
CA LYS B 146 5.05 -15.46 -10.04
C LYS B 146 6.08 -15.49 -11.14
N ASN B 147 5.62 -15.53 -12.36
CA ASN B 147 6.54 -15.55 -13.49
C ASN B 147 7.35 -14.26 -13.55
N LEU B 148 6.82 -13.17 -13.00
CA LEU B 148 7.53 -11.90 -12.97
C LEU B 148 8.45 -11.78 -11.77
N GLY B 149 8.46 -12.76 -10.87
CA GLY B 149 9.35 -12.75 -9.74
C GLY B 149 8.70 -12.50 -8.40
N PHE B 150 7.37 -12.45 -8.34
CA PHE B 150 6.66 -12.21 -7.09
C PHE B 150 6.43 -13.53 -6.39
N GLU B 151 6.70 -13.54 -5.09
CA GLU B 151 6.58 -14.72 -4.26
C GLU B 151 5.48 -14.49 -3.24
N ALA B 152 4.50 -15.40 -3.21
CA ALA B 152 3.40 -15.27 -2.27
C ALA B 152 3.81 -15.75 -0.88
N ASP B 153 3.22 -15.13 0.13
CA ASP B 153 3.33 -15.51 1.53
C ASP B 153 4.77 -15.91 1.89
N PRO B 154 5.75 -15.05 1.61
CA PRO B 154 7.15 -15.44 1.83
C PRO B 154 7.40 -15.67 3.32
N GLN B 155 7.72 -16.92 3.65
CA GLN B 155 8.06 -17.35 5.02
C GLN B 155 7.00 -16.92 6.04
N GLY B 156 5.73 -17.10 5.70
CA GLY B 156 4.65 -16.96 6.65
C GLY B 156 3.93 -15.64 6.63
N ILE B 157 4.41 -14.66 5.87
CA ILE B 157 3.80 -13.33 5.89
C ILE B 157 2.54 -13.36 5.04
N LYS B 158 1.41 -13.00 5.65
CA LYS B 158 0.11 -13.14 5.03
C LYS B 158 -0.46 -11.77 4.70
N GLY B 159 -0.99 -11.64 3.48
CA GLY B 159 -1.73 -10.44 3.12
C GLY B 159 -3.16 -10.56 3.61
N MET B 160 -3.67 -9.48 4.22
CA MET B 160 -4.87 -9.50 5.04
C MET B 160 -5.77 -8.31 4.74
N PHE B 161 -7.07 -8.53 4.77
CA PHE B 161 -8.07 -7.51 4.52
C PHE B 161 -9.02 -7.42 5.71
N TRP B 162 -9.48 -6.21 6.00
CA TRP B 162 -10.44 -5.98 7.07
C TRP B 162 -11.86 -6.15 6.51
N TYR B 163 -12.56 -7.18 6.94
CA TYR B 163 -13.94 -7.44 6.55
C TYR B 163 -14.12 -7.19 5.04
N PRO B 164 -13.48 -7.98 4.20
CA PRO B 164 -13.61 -7.80 2.75
C PRO B 164 -15.04 -8.07 2.29
N ARG B 165 -15.59 -7.13 1.52
CA ARG B 165 -16.92 -7.27 0.93
C ARG B 165 -16.82 -7.89 -0.47
N PHE B 166 -16.28 -9.10 -0.54
CA PHE B 166 -16.11 -9.73 -1.84
C PHE B 166 -17.17 -10.84 -2.02
N1A ACO C . -0.43 -12.45 18.87
C2A ACO C . -1.73 -12.72 18.94
N3A ACO C . -2.53 -12.12 19.79
C4A ACO C . -2.07 -11.23 20.63
C5A ACO C . -0.68 -10.89 20.62
C6A ACO C . 0.14 -11.57 19.67
N6A ACO C . 1.44 -11.28 19.62
N7A ACO C . -0.46 -9.98 21.56
C8A ACO C . -1.66 -9.77 22.13
N9A ACO C . -2.60 -10.52 21.58
C1B ACO C . -3.99 -10.53 21.95
C2B ACO C . -4.04 -10.17 23.41
O2B ACO C . -4.11 -11.32 24.21
C3B ACO C . -5.30 -9.38 23.52
O3B ACO C . -6.43 -10.25 23.56
P3B ACO C . -7.81 -9.84 24.22
O7A ACO C . -8.79 -10.31 23.24
O8A ACO C . -7.93 -10.54 25.53
O9A ACO C . -7.72 -8.39 24.46
C4B ACO C . -5.27 -8.63 22.20
O4B ACO C . -4.58 -9.46 21.29
C5B ACO C . -4.65 -7.23 22.20
O5B ACO C . -3.48 -7.03 22.96
P1A ACO C . -2.74 -5.65 22.92
O1A ACO C . -2.47 -5.24 24.27
O2A ACO C . -3.45 -4.72 22.06
O3A ACO C . -1.44 -6.14 22.23
P2A ACO C . -0.10 -5.44 22.46
O4A ACO C . 0.81 -6.31 23.18
O5A ACO C . -0.33 -4.11 22.95
O6A ACO C . 0.41 -5.32 21.01
CBP ACO C . 1.73 -6.16 19.32
CCP ACO C . 0.61 -6.48 20.27
CDP ACO C . 1.38 -4.90 18.60
CEP ACO C . 1.92 -7.22 18.27
CAP ACO C . 2.94 -5.90 20.20
OAP ACO C . 3.24 -7.00 21.01
C9P ACO C . 4.17 -5.59 19.42
O9P ACO C . 4.80 -4.61 19.65
N8P ACO C . 4.53 -6.44 18.49
C7P ACO C . 5.56 -6.03 17.57
C6P ACO C . 5.14 -4.88 16.65
C5P ACO C . 4.96 -5.44 15.27
O5P ACO C . 5.68 -6.36 14.95
N4P ACO C . 4.04 -4.90 14.47
C3P ACO C . 4.14 -4.93 13.02
C2P ACO C . 2.90 -5.53 12.42
S1P ACO C . 3.30 -6.48 11.00
C ACO C . 2.91 -5.41 9.78
O ACO C . 3.52 -5.45 8.73
CH3 ACO C . 1.83 -4.42 9.99
OH SRO D . 12.33 -6.87 10.91
CZ3 SRO D . 11.44 -6.19 10.10
CH2 SRO D . 11.74 -4.88 9.82
CZ2 SRO D . 10.92 -4.13 9.03
CE2 SRO D . 9.76 -4.73 8.51
NE1 SRO D . 8.78 -4.22 7.70
CD1 SRO D . 7.88 -5.18 7.46
CG SRO D . 8.28 -6.30 8.13
CD2 SRO D . 9.44 -6.01 8.78
CE3 SRO D . 10.30 -6.79 9.59
CB SRO D . 7.34 -7.48 7.97
CA SRO D . 7.16 -7.75 6.50
NZ SRO D . 6.31 -6.76 5.91
N1A ACO E . -2.16 -16.33 -15.40
C2A ACO E . -0.89 -16.67 -15.61
N3A ACO E . -0.19 -16.29 -16.64
C4A ACO E . -0.73 -15.52 -17.55
C5A ACO E . -2.10 -15.08 -17.42
C6A ACO E . -2.82 -15.55 -16.24
N6A ACO E . -4.09 -15.25 -15.99
N7A ACO E . -2.38 -14.32 -18.47
C8A ACO E . -1.24 -14.30 -19.19
N9A ACO E . -0.27 -15.02 -18.63
C1B ACO E . 1.10 -15.23 -19.09
C2B ACO E . 1.18 -15.22 -20.59
O2B ACO E . 0.99 -16.53 -21.08
C3B ACO E . 2.58 -14.76 -20.86
O3B ACO E . 3.50 -15.84 -20.77
P3B ACO E . 4.75 -16.01 -21.72
O7A ACO E . 5.72 -16.57 -20.77
O8A ACO E . 4.37 -16.93 -22.81
O9A ACO E . 5.00 -14.68 -22.27
C4B ACO E . 2.81 -13.80 -19.71
O4B ACO E . 1.92 -14.16 -18.69
C5B ACO E . 2.56 -12.36 -20.10
O5B ACO E . 1.39 -12.25 -20.84
P1A ACO E . 0.87 -10.82 -21.14
O1A ACO E . 0.39 -10.79 -22.50
O2A ACO E . 1.89 -9.86 -20.74
O3A ACO E . -0.41 -10.77 -20.27
P2A ACO E . -1.51 -9.82 -20.77
O4A ACO E . -2.61 -10.54 -21.37
O5A ACO E . -0.87 -8.79 -21.54
O6A ACO E . -1.95 -9.19 -19.43
CBP ACO E . -3.16 -9.61 -17.38
CCP ACO E . -2.02 -10.00 -18.29
CDP ACO E . -2.86 -8.39 -16.57
CEP ACO E . -3.51 -10.71 -16.42
CAP ACO E . -4.30 -9.26 -18.27
OAP ACO E . -4.50 -10.36 -19.12
C9P ACO E . -5.55 -9.03 -17.55
O9P ACO E . -6.55 -8.97 -18.22
N8P ACO E . -5.52 -8.90 -16.26
C7P ACO E . -6.77 -8.64 -15.57
C6P ACO E . -6.79 -7.30 -14.84
C5P ACO E . -6.58 -7.57 -13.38
O5P ACO E . -7.37 -8.27 -12.77
N4P ACO E . -5.48 -7.03 -12.82
C3P ACO E . -5.19 -6.97 -11.41
C2P ACO E . -4.27 -8.08 -10.93
S1P ACO E . -4.44 -8.26 -9.19
C ACO E . -4.17 -6.70 -8.68
O ACO E . -4.81 -6.25 -7.76
CH3 ACO E . -3.16 -5.87 -9.38
OH SRO F . -8.17 -3.29 -7.45
CZ3 SRO F . -9.41 -3.88 -7.81
CH2 SRO F . -10.57 -3.10 -7.89
CZ2 SRO F . -11.79 -3.67 -8.24
CE2 SRO F . -11.85 -5.06 -8.54
NE1 SRO F . -12.87 -5.90 -8.91
CD1 SRO F . -12.36 -7.16 -9.06
CG SRO F . -11.00 -7.09 -8.77
CD2 SRO F . -10.71 -5.81 -8.46
CE3 SRO F . -9.48 -5.23 -8.08
CB SRO F . -10.19 -8.39 -8.88
CA SRO F . -9.31 -8.30 -10.13
NZ SRO F . -8.05 -9.02 -9.96
#